data_1LBG
#
_entry.id   1LBG
#
_cell.length_a   104.300
_cell.length_b   224.400
_cell.length_c   112.100
_cell.angle_alpha   90.00
_cell.angle_beta   95.70
_cell.angle_gamma   90.00
#
_symmetry.space_group_name_H-M   'C 1 2 1'
#
loop_
_entity.id
_entity.type
_entity.pdbx_description
1 polymer "DNA (5'-D(*GP*AP*AP*TP*TP*GP*TP*GP*AP*GP*CP*GP*CP*TP*CP*AP*CP*AP*AP*TP*T)-3')"
2 polymer 'PROTEIN (LACTOSE OPERON REPRESSOR)'
#
loop_
_entity_poly.entity_id
_entity_poly.type
_entity_poly.pdbx_seq_one_letter_code
_entity_poly.pdbx_strand_id
1 'polydeoxyribonucleotide'
;(DG)(DA)(DA)(DT)(DT)(DG)(DT)(DG)(DA)(DG)(DC)(DG)(DC)(DT)(DC)(DA)(DC)(DA)(DA)(DT)
(DT)
;
E,F,G,H
2 'polypeptide(L)'
;MKPVTLYDVAEYAGVSYQTVSRVVNQASHVSAKTREKVEAAMAELNYIPNRVAQQLAGKQSLLIGVATSSLALHAPSQIV
AAIKSRADQLGASVVVSMVERSGVEACKTAVHNLLAQRVSGLIINYPLDDQDAIAVEAACTNVPALFLDVSDQTPINSII
FSHEDGTRLGVEHLVALGHQQIALLAGPLSSVSARLRLAGWHKYLTRNQIQPIAEREGDWSAMSGFQQTMQMLNEGIVPT
AMLVANDQMALGAMRAITESGLRVGADISVVGYDDTEDSSCYIPPLTTIKQDFRLLGQTSVDRLLQLSQGQAVKGNQLLP
VSLVKRKTTLAPNTQTASPRALADSLMQLARQVSRLESGQ
;
A,B,C,D
#
loop_
_chem_comp.id
_chem_comp.type
_chem_comp.name
_chem_comp.formula
DA DNA linking 2'-DEOXYADENOSINE-5'-MONOPHOSPHATE 'C10 H14 N5 O6 P'
DC DNA linking 2'-DEOXYCYTIDINE-5'-MONOPHOSPHATE 'C9 H14 N3 O7 P'
DG DNA linking 2'-DEOXYGUANOSINE-5'-MONOPHOSPHATE 'C10 H14 N5 O7 P'
DT DNA linking THYMIDINE-5'-MONOPHOSPHATE 'C10 H15 N2 O8 P'
#
# COMPACT_ATOMS: atom_id res chain seq x y z
CA MET E 1 -7.05 9.77 -38.11
CA LYS E 2 -8.92 10.42 -41.36
CA PRO E 3 -11.97 8.11 -41.90
CA VAL E 4 -10.66 4.55 -41.71
CA THR E 5 -14.20 3.30 -42.01
CA LEU E 6 -16.47 0.40 -43.03
CA TYR E 7 -15.65 1.12 -46.68
CA ASP E 8 -11.97 1.64 -45.96
CA VAL E 9 -11.78 -1.99 -44.86
CA ALA E 10 -14.43 -3.32 -47.29
CA GLU E 11 -12.03 -2.58 -50.15
CA TYR E 12 -9.13 -4.17 -48.30
CA ALA E 13 -10.83 -7.30 -47.00
CA GLY E 14 -12.88 -7.21 -50.17
CA VAL E 15 -16.02 -8.03 -48.20
CA SER E 16 -19.23 -6.01 -48.07
CA TYR E 17 -19.61 -3.16 -45.59
CA GLN E 18 -22.26 -5.23 -43.88
CA THR E 19 -19.75 -8.03 -43.35
CA VAL E 20 -17.22 -5.31 -42.49
CA SER E 21 -19.42 -4.01 -39.71
CA ARG E 22 -19.80 -7.75 -39.28
CA VAL E 23 -17.19 -9.61 -37.21
CA VAL E 24 -16.51 -6.30 -35.45
CA ASN E 25 -19.72 -4.29 -34.71
CA GLN E 26 -21.56 -6.90 -32.55
CA ALA E 27 -20.23 -10.12 -34.19
CA SER E 28 -22.34 -12.98 -35.49
CA HIS E 29 -21.53 -15.57 -38.16
CA VAL E 30 -18.98 -15.41 -40.98
CA SER E 31 -15.93 -17.14 -42.49
CA ALA E 32 -13.13 -16.82 -39.95
CA LYS E 33 -10.49 -16.18 -42.61
CA THR E 34 -12.69 -13.53 -44.19
CA ARG E 35 -12.89 -12.15 -40.67
CA GLU E 36 -9.08 -12.40 -40.76
CA LYS E 37 -8.67 -10.00 -43.67
CA VAL E 38 -11.16 -8.00 -41.63
CA GLU E 39 -9.29 -8.70 -38.36
CA ALA E 40 -6.17 -7.22 -39.95
CA ALA E 41 -8.10 -4.33 -41.54
CA MET E 42 -8.81 -3.47 -37.91
CA ALA E 43 -5.07 -2.96 -37.40
CA GLU E 44 -2.86 -0.83 -39.73
CA LEU E 45 -5.71 1.26 -41.14
CA ASN E 46 -6.94 1.16 -37.56
CA TYR E 47 -10.67 1.13 -38.27
CA ILE E 48 -12.50 3.16 -35.64
CA PRO E 49 -16.31 3.41 -35.47
CA ASN E 50 -17.42 7.02 -35.77
CA ARG E 51 -20.08 6.38 -33.13
CA VAL E 52 -22.21 9.23 -34.51
CA ALA E 53 -22.87 7.22 -37.68
CA GLN E 54 -23.93 4.13 -35.69
CA GLN E 55 -25.57 6.36 -33.07
CA LEU E 56 -27.75 7.80 -35.86
CA ALA E 57 -29.71 4.84 -37.19
CA GLY E 58 -27.96 2.35 -34.95
CA LYS E 59 -29.62 2.27 -31.55
CA GLN E 60 -27.58 3.47 -28.57
CA SER E 61 -29.24 4.29 -25.29
CA LEU E 62 -27.26 5.06 -22.15
CA LEU E 63 -26.55 8.61 -23.23
CA ILE E 64 -26.69 9.82 -19.65
CA GLY E 65 -27.35 13.43 -20.44
CA VAL E 66 -26.31 15.13 -17.23
CA ALA E 67 -26.36 18.66 -16.05
CA THR E 68 -25.44 19.71 -12.61
CA SER E 69 -24.22 22.82 -10.94
CA SER E 70 -20.62 23.11 -11.98
CA LEU E 71 -17.95 23.73 -9.33
CA ALA E 72 -17.17 20.06 -8.95
CA LEU E 73 -16.60 20.86 -5.28
CA HIS E 74 -17.34 17.66 -3.47
CA ALA E 75 -21.05 17.93 -3.51
CA PRO E 76 -21.54 17.80 -7.20
CA SER E 77 -18.29 16.14 -8.06
CA GLN E 78 -18.56 13.11 -5.88
CA ILE E 79 -21.99 12.66 -7.31
CA VAL E 80 -21.06 13.29 -10.91
CA ALA E 81 -18.22 10.87 -10.48
CA ALA E 82 -20.62 8.37 -8.94
CA ILE E 83 -22.95 8.23 -11.83
CA LYS E 84 -20.20 8.38 -14.43
CA SER E 85 -18.43 5.49 -12.65
CA ARG E 86 -21.54 3.35 -12.45
CA ALA E 87 -22.69 4.36 -15.89
CA ASP E 88 -19.48 3.06 -17.28
CA GLN E 89 -19.97 -0.66 -16.78
CA LEU E 90 -23.63 -0.72 -17.75
CA GLY E 91 -22.44 0.88 -20.99
CA ALA E 92 -23.59 4.36 -20.07
CA SER E 93 -22.05 7.52 -21.41
CA VAL E 94 -21.92 10.82 -19.55
CA VAL E 95 -22.68 14.13 -21.15
CA VAL E 96 -22.00 16.77 -18.56
CA SER E 97 -23.27 20.26 -18.88
CA MET E 98 -22.05 22.11 -15.89
CA VAL E 99 -24.69 24.86 -15.58
CA GLU E 100 -23.60 28.53 -15.22
CA ARG E 101 -25.13 29.73 -11.96
CA SER E 102 -28.69 30.60 -10.93
CA GLY E 103 -29.72 30.49 -14.59
CA VAL E 104 -33.00 28.73 -14.12
CA GLU E 105 -33.33 29.26 -17.88
CA ALA E 106 -29.71 28.23 -18.44
CA CYS E 107 -30.09 24.70 -17.09
CA LYS E 108 -33.22 24.24 -19.16
CA THR E 109 -31.26 25.43 -22.11
CA ALA E 110 -28.31 23.30 -21.13
CA VAL E 111 -30.73 20.42 -21.24
CA HIS E 112 -31.47 21.29 -24.84
CA ASN E 113 -27.94 20.43 -25.80
CA LEU E 114 -28.54 17.07 -24.20
CA LEU E 115 -31.86 16.54 -25.90
CA ALA E 116 -30.12 17.53 -29.14
CA GLN E 117 -27.98 14.55 -28.49
CA ARG E 118 -31.10 12.39 -28.17
CA VAL E 119 -30.05 11.64 -24.61
CA SER E 120 -31.22 8.14 -23.90
CA GLY E 121 -31.81 9.44 -20.42
CA LEU E 122 -30.93 12.59 -18.58
CA ILE E 123 -30.25 13.77 -15.12
CA ILE E 124 -30.38 17.14 -13.52
CA ASN E 125 -28.28 18.00 -10.55
CA TYR E 126 -28.90 21.62 -10.44
CA PRO E 127 -30.10 21.78 -6.81
CA LEU E 128 -33.67 22.04 -5.68
CA ASP E 129 -35.41 24.74 -7.73
CA ASP E 130 -39.11 23.83 -7.58
CA GLN E 131 -41.93 24.17 -10.14
CA ASP E 132 -39.18 25.75 -12.20
CA ALA E 133 -37.91 22.22 -12.66
CA ILE E 134 -41.50 21.39 -13.34
CA ALA E 135 -41.30 23.53 -16.40
CA VAL E 136 -37.75 22.30 -16.80
CA GLU E 137 -39.14 18.84 -16.62
CA ALA E 138 -41.73 19.83 -19.15
CA ALA E 139 -39.38 20.64 -22.04
CA CYS E 140 -37.90 17.21 -21.46
CA THR E 141 -41.09 15.56 -22.72
CA ASN E 142 -38.51 12.85 -23.24
CA VAL E 143 -36.87 10.38 -20.79
CA PRO E 144 -37.39 12.65 -17.75
CA ALA E 145 -34.13 13.24 -15.98
CA LEU E 146 -33.82 13.07 -12.34
CA PHE E 147 -33.37 16.55 -10.94
CA LEU E 148 -32.22 14.35 -8.08
CA ASP E 149 -32.26 17.00 -5.41
CA VAL E 150 -35.36 19.12 -5.48
CA SER E 151 -38.31 20.05 -3.26
CA ASP E 152 -39.04 17.12 -0.92
CA GLN E 153 -42.23 16.92 -2.69
CA THR E 154 -42.97 19.00 -5.64
CA PRO E 155 -45.28 16.54 -7.52
CA ILE E 156 -42.64 14.98 -9.65
CA ASN E 157 -40.39 12.04 -10.40
CA SER E 158 -36.65 12.34 -9.90
CA ILE E 159 -37.31 12.95 -6.24
CA ILE E 160 -34.55 10.76 -5.04
CA PHE E 161 -32.40 11.60 -2.09
CA SER E 162 -32.38 11.88 1.65
CA HIS E 163 -32.63 14.15 4.72
CA GLU E 164 -35.53 15.25 7.02
CA ASP E 165 -34.53 13.17 9.93
CA GLY E 166 -30.86 14.19 10.09
CA THR E 167 -32.37 17.60 9.70
CA ARG E 168 -32.87 17.29 13.44
CA LEU E 169 -30.67 14.40 14.42
CA GLY E 170 -28.25 17.13 15.18
CA VAL E 171 -30.81 19.34 16.79
CA GLU E 172 -32.51 16.69 18.85
CA HIS E 173 -29.50 14.68 19.93
CA LEU E 174 -27.83 17.98 20.75
CA VAL E 175 -30.61 19.19 22.97
CA ALA E 176 -30.55 15.65 24.28
CA LEU E 177 -26.90 16.36 24.98
CA GLY E 178 -28.04 19.44 26.89
CA HIS E 179 -26.24 21.87 24.67
CA GLN E 180 -29.21 24.06 23.87
CA GLN E 181 -29.20 27.85 23.25
CA ILE E 182 -28.09 27.43 19.69
CA ALA E 183 -27.34 29.63 16.80
CA LEU E 184 -27.72 27.16 13.96
CA LEU E 185 -25.96 27.74 10.66
CA ALA E 186 -27.25 27.14 7.22
CA GLY E 187 -25.95 27.68 3.76
CA PRO E 188 -27.59 30.00 1.24
CA LEU E 189 -31.25 30.19 0.53
CA SER E 190 -31.59 29.74 -3.24
CA SER E 191 -30.84 26.07 -2.98
CA VAL E 192 -34.00 25.02 -1.25
CA SER E 193 -31.75 22.27 0.05
CA ALA E 194 -30.27 24.98 2.19
CA ARG E 195 -33.60 26.60 3.00
CA LEU E 196 -35.14 23.26 3.48
CA ARG E 197 -32.23 22.16 5.66
CA LEU E 198 -32.83 25.22 7.73
CA ALA E 199 -36.58 24.80 8.16
CA GLY E 200 -35.85 21.32 9.42
CA TRP E 201 -33.83 22.67 12.31
CA HIS E 202 -36.72 25.00 13.15
CA LYS E 203 -39.34 22.29 12.82
CA TYR E 204 -37.50 20.19 15.36
CA LEU E 205 -35.85 22.99 17.35
CA THR E 206 -39.25 24.51 17.91
CA ARG E 207 -40.61 20.92 18.11
CA ASN E 208 -38.13 20.61 20.93
CA GLN E 209 -39.29 24.06 22.12
CA ILE E 210 -35.86 25.69 21.82
CA GLN E 211 -34.85 28.96 20.25
CA PRO E 212 -31.98 30.01 17.96
CA ILE E 213 -29.69 32.79 19.15
CA ALA E 214 -28.74 33.33 15.51
CA GLU E 215 -28.85 31.60 12.15
CA ARG E 216 -26.76 33.35 9.49
CA GLU E 217 -26.58 32.29 5.82
CA GLY E 218 -23.35 30.76 4.54
CA ASP E 219 -22.31 30.13 0.96
CA TRP E 220 -20.88 26.64 1.12
CA SER E 221 -17.35 27.95 0.82
CA ALA E 222 -14.58 26.63 3.06
CA MET E 223 -14.34 30.24 4.05
CA SER E 224 -18.08 30.46 4.75
CA GLY E 225 -17.65 29.32 8.30
CA PHE E 226 -14.94 31.73 9.42
CA GLN E 227 -16.27 35.13 8.49
CA GLN E 228 -19.73 34.20 9.58
CA THR E 229 -19.02 32.64 12.96
CA MET E 230 -16.31 35.17 13.52
CA GLN E 231 -18.27 38.32 13.01
CA MET E 232 -21.36 37.08 14.79
CA LEU E 233 -19.51 35.64 17.78
CA ASN E 234 -18.02 39.17 17.75
CA GLU E 235 -21.56 40.46 17.76
CA GLY E 236 -21.90 38.53 21.05
CA ILE E 237 -23.12 35.15 19.95
CA VAL E 238 -21.86 32.05 21.72
CA PRO E 239 -24.54 29.27 21.59
CA THR E 240 -23.63 26.02 23.25
CA ALA E 241 -23.51 24.85 19.67
CA MET E 242 -24.49 25.19 16.00
CA LEU E 243 -25.06 22.84 13.10
CA VAL E 244 -24.46 23.52 9.44
CA ALA E 245 -24.81 21.80 6.08
CA ASN E 246 -21.55 21.37 4.19
CA ASP E 247 -19.20 20.10 6.86
CA GLN E 248 -16.39 21.76 4.87
CA MET E 249 -17.85 25.29 4.89
CA ALA E 250 -18.75 24.76 8.49
CA LEU E 251 -15.02 24.10 9.01
CA GLY E 252 -14.50 27.80 8.99
CA ALA E 253 -16.38 27.83 12.27
CA MET E 254 -13.56 25.82 13.82
CA ARG E 255 -10.94 28.40 12.83
CA ALA E 256 -13.38 30.91 14.27
CA ILE E 257 -13.98 29.58 17.81
CA THR E 258 -10.40 28.46 18.06
CA GLU E 259 -8.63 31.47 16.52
CA SER E 260 -11.27 33.66 18.16
CA GLY E 261 -9.91 31.98 21.26
CA LEU E 262 -12.05 29.21 22.68
CA ARG E 263 -12.80 25.49 22.39
CA VAL E 264 -15.17 24.21 19.71
CA GLY E 265 -17.39 21.34 20.73
CA ALA E 266 -16.35 21.65 24.38
CA ASP E 267 -17.18 25.35 24.64
CA ILE E 268 -19.49 25.64 21.64
CA SER E 269 -20.49 22.26 20.18
CA VAL E 270 -21.22 22.06 16.44
CA VAL E 271 -21.86 19.70 13.59
CA GLY E 272 -21.85 19.59 9.86
CA TYR E 273 -23.69 17.68 7.25
CA ASP E 274 -22.62 15.50 4.32
CA ASP E 275 -19.38 13.97 5.73
CA THR E 276 -16.20 14.47 3.75
CA GLU E 277 -13.02 12.59 4.66
CA ASP E 278 -11.48 16.03 5.29
CA SER E 279 -13.85 16.32 8.27
CA SER E 280 -12.77 12.93 9.50
CA CYS E 281 -9.34 14.44 9.69
CA TYR E 282 -10.48 17.79 10.98
CA ILE E 283 -8.89 19.15 14.18
CA PRO E 284 -12.09 18.37 16.03
CA PRO E 285 -13.22 15.19 14.20
CA LEU E 286 -16.66 16.37 13.19
CA THR E 287 -19.71 14.83 14.80
CA THR E 288 -21.95 15.26 11.75
CA ILE E 289 -24.16 13.46 9.26
CA LYS E 290 -23.88 12.27 5.67
CA GLN E 291 -25.81 11.71 2.42
CA ASP E 292 -24.43 8.84 0.28
CA PHE E 293 -23.83 10.62 -3.01
CA ARG E 294 -22.41 7.47 -4.47
CA LEU E 295 -25.78 5.94 -3.92
CA LEU E 296 -27.61 9.10 -4.89
CA GLY E 297 -25.91 9.00 -8.22
CA GLN E 298 -25.66 5.33 -8.86
CA THR E 299 -29.22 4.83 -7.80
CA SER E 300 -30.55 7.40 -10.15
CA VAL E 301 -28.61 5.82 -12.96
CA ASP E 302 -30.43 2.59 -12.58
CA ARG E 303 -33.63 4.33 -11.74
CA LEU E 304 -33.15 6.32 -14.86
CA LEU E 305 -32.75 3.06 -16.63
CA GLN E 306 -35.84 2.35 -14.60
CA LEU E 307 -38.32 3.91 -16.99
CA SER E 308 -36.33 4.09 -20.12
CA GLN E 309 -35.82 0.38 -20.24
CA GLY E 310 -37.29 -0.09 -16.84
CA GLN E 311 -40.86 0.96 -17.55
CA ALA E 312 -42.21 0.18 -14.02
CA VAL E 313 -42.58 3.74 -12.78
CA LYS E 314 -41.56 6.02 -9.94
CA GLY E 315 -41.53 9.61 -8.79
CA ASN E 316 -40.50 10.47 -5.29
CA GLN E 317 -37.81 8.47 -3.50
CA LEU E 318 -36.23 9.13 -0.13
CA LEU E 319 -33.20 7.44 1.35
CA PRO E 320 -31.15 7.20 4.60
CA VAL E 321 -29.09 9.84 6.31
CA SER E 322 -27.24 8.40 9.31
CA LEU E 323 -25.43 10.42 11.93
CA VAL E 324 -21.84 10.18 13.16
CA LYS E 325 -20.41 10.68 16.66
CA ARG E 326 -17.16 12.62 17.11
CA LYS E 327 -15.48 15.53 18.86
CA THR E 328 -17.78 18.44 18.07
CA THR E 329 -20.72 17.54 20.17
CA LEU E 330 -19.34 17.50 23.72
CA ALA E 331 -19.98 19.22 27.05
CA PRO E 332 -22.49 21.84 28.06
CA ASN E 333 -20.01 24.44 29.38
CA THR E 334 -17.71 22.79 31.95
CA GLN E 335 -14.34 21.45 30.72
CA THR E 336 -13.52 20.08 34.19
CA ALA E 337 -16.67 18.73 36.03
CA SER E 338 -15.30 15.10 36.34
CA PRO E 339 -15.65 13.96 32.71
CA ARG E 340 -12.87 13.53 30.14
CA ALA E 341 -12.15 17.19 30.81
CA LEU E 342 -9.29 16.66 33.29
CA ALA E 343 -7.12 14.00 31.74
CA ASP E 344 -6.92 15.92 28.49
CA SER E 345 -5.57 18.59 30.77
CA LEU E 346 -2.47 16.44 30.99
CA MET E 347 -2.90 14.84 27.61
CA GLN E 348 -1.52 18.11 26.33
CA LEU E 349 0.68 18.65 29.35
CA ALA E 350 2.01 15.43 27.90
CA ARG E 351 3.36 17.47 25.01
CA GLN E 352 4.30 20.15 27.54
CA VAL E 353 5.97 17.26 29.23
CA SER E 354 7.56 16.13 25.98
CA ARG E 355 8.46 19.79 25.63
CA LEU E 356 10.94 19.34 28.48
CA GLU E 357 13.47 17.67 26.24
CA MET F 1 -39.71 14.18 -27.89
CA LYS F 2 -40.04 12.07 -31.06
CA PRO F 3 -38.22 13.56 -34.11
CA VAL F 4 -39.60 17.05 -34.58
CA THR F 5 -37.10 17.59 -37.37
CA LEU F 6 -36.24 19.52 -40.53
CA TYR F 7 -38.94 17.60 -42.38
CA ASP F 8 -41.40 17.90 -39.52
CA VAL F 9 -41.36 21.68 -40.04
CA ALA F 10 -40.83 21.59 -43.83
CA GLU F 11 -44.34 20.14 -44.19
CA TYR F 12 -45.78 22.71 -41.79
CA ALA F 13 -44.05 25.85 -43.07
CA GLY F 14 -44.25 24.23 -46.48
CA VAL F 15 -40.69 25.31 -47.24
CA SER F 16 -37.80 23.08 -48.23
CA TYR F 17 -35.69 21.35 -45.59
CA GLN F 18 -32.80 23.55 -46.70
CA THR F 19 -34.86 26.65 -45.96
CA VAL F 20 -36.04 24.85 -42.80
CA SER F 21 -32.47 24.43 -41.61
CA ARG F 22 -32.40 27.95 -42.98
CA VAL F 23 -33.50 30.80 -40.70
CA VAL F 24 -32.60 28.54 -37.77
CA ASN F 25 -29.35 26.56 -38.32
CA GLN F 26 -26.93 29.53 -38.87
CA ALA F 27 -29.35 32.01 -40.52
CA SER F 28 -28.80 33.83 -43.79
CA HIS F 29 -31.33 35.28 -46.22
CA VAL F 30 -35.00 34.41 -46.69
CA SER F 31 -38.54 35.82 -46.65
CA ALA F 32 -39.27 36.90 -43.08
CA LYS F 33 -42.86 35.67 -43.20
CA THR F 34 -41.69 32.33 -44.57
CA ARG F 35 -39.29 32.40 -41.64
CA GLU F 36 -42.42 33.12 -39.59
CA LYS F 37 -44.15 29.87 -40.49
CA VAL F 38 -40.72 28.48 -39.70
CA GLU F 39 -40.37 30.63 -36.55
CA ALA F 40 -43.62 29.11 -35.31
CA ALA F 41 -42.65 25.60 -36.43
CA MET F 42 -39.84 26.09 -33.92
CA ALA F 43 -42.47 26.35 -31.18
CA GLU F 44 -45.34 23.81 -30.71
CA LEU F 45 -43.64 20.97 -32.59
CA ASN F 46 -40.57 22.26 -30.79
CA TYR F 47 -38.01 21.50 -33.48
CA ILE F 48 -34.74 20.39 -31.88
CA PRO F 49 -31.56 19.71 -33.90
CA ASN F 50 -30.39 16.15 -33.34
CA ARG F 51 -26.79 17.39 -33.27
CA VAL F 52 -25.54 13.95 -34.38
CA ALA F 53 -27.12 14.47 -37.81
CA GLN F 54 -25.51 17.91 -38.21
CA GLN F 55 -22.37 16.66 -36.44
CA LEU F 56 -22.08 13.96 -39.13
CA ALA F 57 -21.67 15.89 -42.39
CA GLY F 58 -22.07 19.27 -40.74
CA LYS F 59 -18.75 20.42 -39.29
CA GLN F 60 -18.47 20.74 -35.54
CA SER F 61 -15.12 21.02 -33.84
CA LEU F 62 -14.77 21.79 -30.15
CA LEU F 63 -15.52 18.23 -29.11
CA ILE F 64 -13.16 18.49 -26.18
CA GLY F 65 -12.65 14.79 -25.73
CA VAL F 66 -11.38 14.56 -22.20
CA ALA F 67 -10.23 11.78 -20.03
CA THR F 68 -8.84 12.29 -16.58
CA SER F 69 -8.41 10.24 -13.47
CA SER F 70 -11.89 10.12 -12.01
CA LEU F 71 -12.42 10.96 -8.27
CA ALA F 72 -13.27 14.52 -9.01
CA LEU F 73 -11.45 15.24 -5.77
CA HIS F 74 -10.20 18.81 -6.13
CA ALA F 75 -7.22 18.03 -8.25
CA PRO F 76 -8.99 16.63 -11.24
CA SER F 77 -12.30 18.28 -10.55
CA GLN F 78 -11.20 21.86 -10.32
CA ILE F 79 -9.35 21.21 -13.52
CA VAL F 80 -12.07 19.39 -15.31
CA ALA F 81 -14.38 22.15 -14.26
CA ALA F 82 -11.92 24.70 -15.55
CA ILE F 83 -11.79 23.39 -19.08
CA LYS F 84 -15.47 22.67 -19.24
CA SER F 85 -16.20 26.23 -18.03
CA ARG F 86 -13.85 27.78 -20.54
CA ALA F 87 -14.81 25.39 -23.30
CA ASP F 88 -18.40 26.50 -22.90
CA GLN F 89 -18.16 30.04 -24.28
CA LEU F 90 -15.76 29.18 -27.12
CA GLY F 91 -18.45 26.70 -28.10
CA ALA F 92 -16.54 23.71 -26.76
CA SER F 93 -18.22 20.49 -25.62
CA VAL F 94 -16.80 18.23 -22.91
CA VAL F 95 -16.71 14.49 -23.25
CA VAL F 96 -15.47 13.15 -19.97
CA SER F 97 -14.18 9.66 -19.59
CA MET F 98 -13.14 9.31 -15.99
CA VAL F 99 -10.48 6.56 -16.25
CA GLU F 100 -10.74 3.49 -13.97
CA ARG F 101 -7.47 3.42 -12.07
CA SER F 102 -3.87 2.50 -13.00
CA GLY F 103 -5.22 1.07 -16.30
CA VAL F 104 -2.56 2.40 -18.62
CA GLU F 105 -4.44 0.44 -21.25
CA ALA F 106 -7.76 1.66 -19.90
CA CYS F 107 -7.07 5.32 -20.57
CA LYS F 108 -5.88 4.52 -24.06
CA THR F 109 -9.01 2.60 -24.58
CA ALA F 110 -11.10 5.29 -22.96
CA VAL F 111 -9.57 7.58 -25.55
CA HIS F 112 -11.01 5.30 -28.23
CA ASN F 113 -14.49 6.24 -27.15
CA LEU F 114 -13.47 9.82 -27.65
CA LEU F 115 -11.90 9.13 -31.02
CA ALA F 116 -15.05 7.25 -31.95
CA GLN F 117 -16.75 10.55 -31.37
CA ARG F 118 -14.36 12.27 -33.80
CA VAL F 119 -13.21 14.44 -30.90
CA SER F 120 -12.24 17.73 -32.49
CA GLY F 121 -9.58 17.80 -29.83
CA LEU F 122 -8.84 15.71 -26.80
CA ILE F 123 -7.19 16.08 -23.49
CA ILE F 124 -5.69 13.57 -21.13
CA ASN F 125 -5.56 14.22 -17.42
CA TYR F 126 -4.52 10.85 -16.30
CA PRO F 127 -1.42 11.95 -14.36
CA LEU F 128 2.12 11.64 -15.51
CA ASP F 129 2.65 8.13 -16.93
CA ASP F 130 5.57 8.51 -19.36
CA GLN F 131 6.36 6.84 -22.71
CA ASP F 132 3.15 4.99 -21.91
CA ALA F 133 1.41 8.23 -22.89
CA ILE F 134 3.78 8.22 -25.85
CA ALA F 135 2.09 5.05 -27.03
CA VAL F 136 -1.13 6.56 -25.76
CA GLU F 137 -0.31 9.62 -27.76
CA ALA F 138 0.40 7.37 -30.73
CA ALA F 139 -3.11 5.87 -31.15
CA CYS F 140 -4.39 9.46 -31.14
CA THR F 141 -2.77 9.97 -34.53
CA ASN F 142 -5.45 12.62 -34.46
CA VAL F 143 -5.64 16.06 -32.70
CA PRO F 144 -3.16 15.02 -29.96
CA ALA F 145 -4.65 15.59 -26.56
CA LEU F 146 -2.76 17.24 -23.85
CA PHE F 147 -1.89 14.65 -21.25
CA LEU F 148 -1.40 17.93 -19.36
CA ASP F 149 0.52 16.54 -16.48
CA VAL F 150 3.22 14.12 -17.48
CA SER F 151 7.01 13.72 -17.23
CA ASP F 152 8.63 17.20 -17.17
CA GLN F 153 10.10 16.24 -20.39
CA THR F 154 9.26 13.11 -22.10
CA PRO F 155 9.65 14.24 -25.80
CA ILE F 156 6.08 15.28 -26.39
CA ASN F 157 3.51 18.01 -26.74
CA SER F 158 0.83 18.46 -24.07
CA ILE F 159 3.60 19.24 -21.57
CA ILE F 160 1.77 22.10 -19.97
CA PHE F 161 1.90 22.74 -16.25
CA SER F 162 4.19 23.91 -13.53
CA HIS F 163 6.43 22.99 -10.59
CA GLU F 164 10.22 22.44 -10.21
CA ASP F 165 10.88 25.61 -8.32
CA GLY F 166 8.18 25.28 -5.69
CA THR F 167 9.55 21.77 -5.51
CA ARG F 168 12.13 23.39 -3.27
CA LEU F 169 10.60 26.75 -2.44
CA GLY F 170 9.44 24.93 0.58
CA VAL F 171 12.74 23.12 1.09
CA GLU F 172 14.96 26.09 0.57
CA HIS F 173 12.91 28.76 2.29
CA LEU F 174 12.50 26.28 5.14
CA VAL F 175 16.17 25.63 5.56
CA ALA F 176 16.42 29.36 5.18
CA LEU F 177 14.01 29.54 8.08
CA GLY F 178 16.41 27.27 9.96
CA HIS F 179 13.98 24.44 10.39
CA GLN F 180 16.15 21.72 8.93
CA GLN F 181 16.29 18.04 9.93
CA ILE F 182 13.25 17.20 7.86
CA ALA F 183 11.20 14.19 7.12
CA LEU F 184 9.51 15.33 3.96
CA LEU F 185 6.24 13.77 2.86
CA ALA F 186 5.23 12.79 -0.61
CA GLY F 187 2.21 11.19 -2.12
CA PRO F 188 2.31 7.88 -3.95
CA LEU F 189 4.84 6.91 -6.52
CA SER F 190 2.82 5.84 -9.59
CA SER F 191 1.94 9.39 -10.40
CA VAL F 192 5.33 10.57 -11.40
CA SER F 193 3.95 13.92 -10.22
CA ALA F 194 4.36 12.44 -6.76
CA ARG F 195 7.70 10.80 -7.51
CA LEU F 196 8.82 13.84 -9.39
CA ARG F 197 7.67 16.11 -6.57
CA LEU F 198 9.70 13.99 -4.22
CA ALA F 199 12.91 14.03 -6.28
CA GLY F 200 12.66 17.81 -6.32
CA TRP F 201 12.91 17.94 -2.56
CA HIS F 202 15.99 15.73 -2.74
CA LYS F 203 17.50 17.72 -5.54
CA TYR F 204 17.27 20.87 -3.45
CA LEU F 205 17.49 19.28 -0.04
CA THR F 206 20.73 17.62 -1.01
CA ARG F 207 21.51 20.78 -3.06
CA ASN F 208 21.15 22.52 0.28
CA GLN F 209 23.21 19.63 1.75
CA ILE F 210 20.47 18.52 4.20
CA GLN F 211 19.17 15.09 5.00
CA PRO F 212 15.62 13.65 5.43
CA ILE F 213 14.82 11.92 8.65
CA ALA F 214 12.03 10.14 6.79
CA GLU F 215 9.89 10.43 3.74
CA ARG F 216 6.87 8.13 3.70
CA GLU F 217 4.45 7.75 0.78
CA GLY F 218 0.94 9.04 1.16
CA ASP F 219 -2.09 8.36 -1.02
CA TRP F 220 -3.57 11.81 -1.46
CA SER F 221 -6.42 10.98 0.94
CA ALA F 222 -7.47 13.51 3.62
CA MET F 223 -6.62 10.61 5.83
CA SER F 224 -3.19 10.11 4.30
CA GLY F 225 -1.60 12.59 6.64
CA PHE F 226 -2.78 11.20 9.91
CA GLN F 227 -1.88 7.54 9.81
CA GLN F 228 1.42 8.34 8.22
CA THR F 229 2.67 11.16 10.38
CA MET F 230 1.13 9.43 13.38
CA GLN F 231 2.77 6.08 13.13
CA MET F 232 6.15 7.47 12.10
CA LEU F 233 6.24 10.16 14.74
CA ASN F 234 5.45 7.18 16.97
CA GLU F 235 8.46 5.50 15.43
CA GLY F 236 10.47 8.46 16.81
CA ILE F 237 10.39 10.96 14.02
CA VAL F 238 10.00 14.65 14.78
CA PRO F 239 11.69 16.78 12.08
CA THR F 240 11.57 20.49 12.51
CA ALA F 241 9.20 20.18 9.56
CA MET F 242 7.93 18.33 6.50
CA LEU F 243 6.36 19.27 3.21
CA VAL F 244 3.82 17.41 1.19
CA ALA F 245 1.91 17.65 -2.11
CA ASN F 246 -1.87 17.76 -1.72
CA ASP F 247 -2.34 20.23 1.08
CA GLN F 248 -5.55 18.36 1.93
CA MET F 249 -3.91 14.99 2.48
CA ALA F 250 -1.18 16.75 4.32
CA LEU F 251 -3.90 18.02 6.64
CA GLY F 252 -3.86 14.67 8.35
CA ALA F 253 -0.47 15.65 9.64
CA MET F 254 -2.05 18.49 11.60
CA ARG F 255 -4.40 16.14 13.38
CA ALA F 256 -1.29 14.06 13.95
CA ILE F 257 1.10 16.49 15.61
CA THR F 258 -1.74 18.17 17.46
CA GLU F 259 -3.69 15.07 18.55
CA SER F 260 -0.34 13.30 19.02
CA GLY F 261 0.18 16.19 21.38
CA LEU F 262 2.38 18.97 20.03
CA ARG F 263 2.31 22.16 17.99
CA VAL F 264 2.50 21.97 14.21
CA GLY F 265 4.50 24.66 12.53
CA ALA F 266 5.82 25.92 15.85
CA ASP F 267 7.12 22.54 16.97
CA ILE F 268 7.25 20.81 13.58
CA SER F 269 6.76 23.19 10.65
CA VAL F 270 5.16 21.87 7.52
CA VAL F 271 3.68 22.81 4.17
CA GLY F 272 1.48 21.44 1.50
CA TYR F 273 1.20 21.96 -2.19
CA ASP F 274 -1.66 22.98 -4.49
CA ASP F 275 -3.60 25.40 -2.18
CA THR F 276 -7.26 24.62 -1.57
CA GLU F 277 -9.48 27.14 0.19
CA ASP F 278 -9.91 24.44 2.88
CA SER F 279 -6.25 25.02 3.73
CA SER F 280 -6.80 28.75 3.94
CA CYS F 281 -9.23 27.90 6.72
CA TYR F 282 -7.16 25.15 8.27
CA ILE F 283 -6.42 25.37 11.97
CA PRO F 284 -2.89 26.32 11.07
CA PRO F 285 -3.40 28.38 7.91
CA LEU F 286 -1.10 26.47 5.61
CA THR F 287 2.09 27.97 4.41
CA THR F 288 2.18 26.11 1.11
CA ILE F 289 2.23 26.50 -2.64
CA LYS F 290 -0.24 26.31 -5.53
CA GLN F 291 -0.65 25.29 -9.20
CA ASP F 292 -3.35 27.28 -11.04
CA PHE F 293 -5.57 24.49 -12.34
CA ARG F 294 -7.96 27.01 -13.77
CA LEU F 295 -5.10 28.14 -15.92
CA LEU F 296 -3.82 24.62 -16.46
CA GLY F 297 -7.15 23.65 -17.90
CA GLN F 298 -8.23 26.81 -19.67
CA THR F 299 -4.77 27.15 -21.16
CA SER F 300 -4.78 23.70 -22.61
CA VAL F 301 -8.20 24.33 -24.07
CA ASP F 302 -6.93 27.24 -26.12
CA ARG F 303 -3.61 25.49 -26.69
CA LEU F 304 -5.57 22.54 -27.90
CA LEU F 305 -7.38 24.92 -30.21
CA GLN F 306 -3.80 25.90 -30.82
CA LEU F 307 -3.00 23.18 -33.34
CA SER F 308 -6.47 22.09 -34.38
CA GLN F 309 -7.41 25.58 -35.59
CA GLY F 310 -4.27 27.18 -34.19
CA GLN F 311 -1.73 25.34 -36.37
CA ALA F 312 1.32 27.23 -34.96
CA VAL F 313 2.80 24.34 -32.89
CA LYS F 314 3.98 23.56 -29.38
CA GLY F 315 5.10 20.68 -27.20
CA ASN F 316 6.40 21.41 -23.71
CA GLN F 317 5.07 24.29 -21.67
CA LEU F 318 5.88 25.21 -18.10
CA LEU F 319 4.06 27.73 -15.93
CA PRO F 320 4.26 29.49 -12.48
CA VAL F 321 3.98 28.03 -9.05
CA SER F 322 4.07 30.78 -6.43
CA LEU F 323 4.44 30.17 -2.71
CA VAL F 324 2.27 31.36 0.18
CA LYS F 325 3.22 32.47 3.71
CA ARG F 326 1.16 31.28 6.71
CA LYS F 327 1.21 29.52 10.07
CA THR F 328 2.91 26.24 9.27
CA THR F 329 6.37 27.47 8.74
CA LEU F 330 7.91 29.54 11.49
CA ALA F 331 9.47 27.11 13.93
CA PRO F 332 10.69 29.32 16.97
CA ASN F 333 13.60 26.82 17.78
CA THR F 334 14.56 28.30 21.20
CA GLN F 335 11.21 28.24 23.01
CA THR F 336 11.00 26.84 26.59
CA ALA F 337 9.48 27.13 30.15
CA SER F 338 10.78 23.91 31.58
CA PRO F 339 11.19 24.39 35.30
CA ARG F 340 8.97 23.04 38.01
CA ALA F 341 6.21 24.96 36.25
CA LEU F 342 4.75 21.99 34.35
CA ALA F 343 4.53 19.14 36.77
CA ASP F 344 2.64 21.40 39.20
CA SER F 345 0.28 21.75 36.33
CA LEU F 346 -0.68 18.15 37.04
CA MET F 347 0.11 18.25 40.74
CA GLN F 348 -3.22 20.07 40.96
CA LEU F 349 -4.78 18.19 38.11
CA ALA F 350 -3.93 15.50 40.60
CA ARG F 351 -6.70 16.88 42.77
CA GLN F 352 -8.69 17.42 39.55
CA VAL F 353 -7.87 13.75 39.02
CA SER F 354 -8.92 12.94 42.62
CA ARG F 355 -11.97 15.04 41.79
CA LEU F 356 -13.13 12.32 39.40
CA GLU F 357 -14.33 10.09 42.28
CA MET G 1 3.54 -34.05 -17.35
CA LYS G 2 5.25 -36.67 -19.54
CA PRO G 3 7.75 -35.17 -22.07
CA VAL G 4 5.82 -32.64 -24.13
CA THR G 5 9.06 -31.71 -25.86
CA LEU G 6 10.66 -30.21 -28.96
CA TYR G 7 9.70 -33.34 -30.91
CA ASP G 8 6.25 -33.48 -29.36
CA VAL G 9 5.48 -30.15 -31.05
CA ALA G 10 7.64 -30.73 -34.15
CA GLU G 11 5.20 -33.45 -35.22
CA TYR G 12 2.21 -31.25 -34.46
CA ALA G 13 3.40 -27.99 -36.01
CA GLY G 14 5.19 -30.14 -38.55
CA VAL G 15 8.25 -27.92 -38.30
CA SER G 16 11.78 -29.01 -37.44
CA TYR G 17 12.87 -29.26 -33.80
CA GLN G 18 15.22 -26.38 -34.50
CA THR G 19 12.28 -24.23 -35.58
CA VAL G 20 10.37 -25.72 -32.64
CA SER G 21 13.00 -24.51 -30.20
CA ARG G 22 12.69 -21.55 -32.53
CA VAL G 23 9.96 -18.98 -31.85
CA VAL G 24 10.05 -20.13 -28.22
CA ASN G 25 13.61 -20.77 -26.93
CA GLN G 26 15.10 -17.26 -27.53
CA ALA G 27 13.09 -16.27 -30.63
CA SER G 28 14.52 -15.00 -33.90
CA HIS G 29 13.04 -15.12 -37.41
CA VAL G 30 10.36 -17.40 -38.83
CA SER G 31 6.93 -17.50 -40.49
CA ALA G 32 4.43 -16.14 -37.98
CA LYS G 33 1.76 -18.67 -38.92
CA THR G 34 4.30 -21.48 -38.63
CA ARG G 35 5.02 -19.95 -35.23
CA GLU G 36 1.23 -20.15 -34.77
CA LYS G 37 1.04 -23.92 -35.11
CA VAL G 38 4.01 -23.68 -32.75
CA GLU G 39 2.30 -21.03 -30.58
CA ALA G 40 -0.60 -23.45 -30.12
CA ALA G 41 1.69 -26.45 -29.62
CA MET G 42 2.84 -24.45 -26.59
CA ALA G 43 -0.70 -24.74 -25.20
CA GLU G 44 -2.65 -28.04 -24.96
CA LEU G 45 0.42 -30.30 -25.08
CA ASN G 46 1.88 -27.62 -22.85
CA TYR G 47 5.48 -27.81 -24.05
CA ILE G 48 7.85 -27.25 -21.14
CA PRO G 49 11.65 -27.01 -21.56
CA ASN G 50 13.36 -29.67 -19.49
CA ARG G 51 16.07 -27.15 -18.57
CA VAL G 52 18.58 -29.98 -17.98
CA ALA G 53 18.61 -30.74 -21.72
CA GLN G 54 19.21 -27.08 -22.63
CA GLN G 55 21.44 -26.68 -19.56
CA LEU G 56 23.63 -29.49 -20.94
CA ALA G 57 24.90 -28.19 -24.27
CA GLY G 58 22.89 -24.99 -24.07
CA LYS G 59 24.76 -22.40 -22.02
CA GLN G 60 23.23 -21.31 -18.73
CA SER G 61 25.26 -19.46 -16.16
CA LEU G 62 23.71 -17.94 -13.06
CA LEU G 63 23.59 -21.25 -11.25
CA ILE G 64 24.22 -19.58 -7.92
CA GLY G 65 25.48 -22.63 -6.14
CA VAL G 66 25.06 -21.70 -2.55
CA ALA G 67 25.86 -23.35 0.69
CA THR G 68 25.40 -21.74 4.01
CA SER G 69 24.94 -22.87 7.54
CA SER G 70 21.36 -24.10 7.72
CA LEU G 71 19.03 -22.86 10.50
CA ALA G 72 17.65 -20.04 8.39
CA LEU G 73 17.53 -18.08 11.64
CA HIS G 74 17.82 -14.48 10.60
CA ALA G 75 21.46 -14.40 10.05
CA PRO G 76 21.66 -16.92 7.26
CA SER G 77 18.11 -16.58 6.12
CA GLN G 78 17.96 -12.89 5.56
CA ILE G 79 21.11 -13.32 3.59
CA VAL G 80 20.11 -16.35 1.62
CA ALA G 81 16.91 -14.56 0.79
CA ALA G 82 18.84 -11.52 -0.24
CA ILE G 83 20.89 -13.34 -2.82
CA LYS G 84 18.03 -15.42 -4.03
CA SER G 85 15.92 -12.27 -4.41
CA ARG G 86 18.57 -10.43 -6.29
CA ALA G 87 19.63 -13.41 -8.26
CA ASP G 88 16.10 -13.75 -9.54
CA GLN G 89 15.97 -10.71 -11.83
CA LEU G 90 19.47 -11.10 -13.19
CA GLY G 91 18.38 -14.57 -14.18
CA ALA G 92 20.18 -16.30 -11.41
CA SER G 93 19.09 -19.61 -9.88
CA VAL G 94 19.77 -20.61 -6.30
CA VAL G 95 21.00 -24.03 -5.31
CA VAL G 96 20.99 -24.13 -1.60
CA SER G 97 22.87 -26.73 0.34
CA MET G 98 22.28 -26.04 3.99
CA VAL G 99 25.38 -27.54 5.60
CA GLU G 100 25.00 -29.96 8.54
CA ARG G 101 27.01 -28.42 11.34
CA SER G 102 30.74 -27.99 12.04
CA GLY G 103 31.41 -30.42 9.21
CA VAL G 104 34.36 -28.65 7.70
CA GLU G 105 34.47 -31.60 5.36
CA ALA G 106 30.70 -31.55 4.93
CA CYS G 107 30.54 -28.09 3.39
CA LYS G 108 33.34 -28.96 1.03
CA THR G 109 31.45 -32.03 0.13
CA ALA G 110 28.21 -30.12 -0.09
CA VAL G 111 30.02 -27.93 -2.58
CA HIS G 112 30.64 -30.99 -4.66
CA ASN G 113 26.94 -31.33 -5.22
CA LEU G 114 27.06 -27.78 -6.53
CA LEU G 115 30.05 -28.42 -8.70
CA ALA G 116 28.30 -31.49 -10.00
CA GLN G 117 25.71 -29.08 -11.18
CA ARG G 118 28.36 -27.08 -13.04
CA VAL G 119 27.45 -24.11 -10.82
CA SER G 120 28.05 -21.08 -12.94
CA GLY G 121 29.15 -19.50 -9.70
CA LEU G 122 28.98 -20.52 -6.10
CA ILE G 123 28.80 -18.96 -2.70
CA ILE G 124 29.68 -20.24 0.73
CA ASN G 125 28.03 -18.90 3.76
CA TYR G 126 29.35 -21.31 6.21
CA PRO G 127 30.82 -18.77 8.69
CA LEU G 128 34.42 -17.89 8.98
CA ASP G 129 36.48 -21.09 9.04
CA ASP G 130 39.94 -20.07 7.84
CA GLN G 131 42.55 -21.90 5.76
CA ASP G 132 40.00 -24.69 5.91
CA ALA G 133 38.07 -22.66 3.37
CA ILE G 134 41.38 -22.25 1.63
CA ALA G 135 41.34 -25.91 1.04
CA VAL G 136 37.62 -25.56 0.55
CA GLU G 137 38.35 -22.92 -1.91
CA ALA G 138 40.86 -25.21 -3.53
CA ALA G 139 38.50 -27.98 -4.66
CA CYS G 140 36.45 -25.31 -6.26
CA THR G 141 39.15 -24.79 -8.86
CA ASN G 142 36.11 -23.42 -10.60
CA VAL G 143 34.27 -20.03 -10.27
CA PRO G 144 35.43 -19.47 -6.66
CA ALA G 145 32.48 -18.89 -4.38
CA LEU G 146 32.45 -16.25 -1.85
CA PHE G 147 32.74 -17.74 1.55
CA LEU G 148 31.42 -14.27 2.28
CA ASP G 149 32.17 -14.27 6.00
CA VAL G 150 35.57 -15.59 6.86
CA SER G 151 38.80 -14.46 8.48
CA ASP G 152 39.21 -10.68 8.00
CA GLN G 153 42.12 -11.54 5.98
CA THR G 154 43.00 -15.01 5.23
CA PRO G 155 44.65 -14.45 1.77
CA ILE G 156 41.60 -15.04 -0.30
CA ASN G 157 38.81 -13.66 -2.44
CA SER G 158 35.22 -13.77 -1.17
CA ILE G 159 36.26 -11.58 1.74
CA ILE G 160 33.24 -9.45 1.56
CA PHE G 161 31.53 -8.10 4.62
CA SER G 162 31.88 -5.63 7.44
CA HIS G 163 32.82 -5.06 11.09
CA GLU G 164 36.01 -4.02 12.96
CA ASP G 165 34.90 -0.55 13.83
CA GLY G 166 31.50 -1.47 15.28
CA THR G 167 33.56 -4.04 17.05
CA ARG G 168 34.30 -1.17 19.40
CA LEU G 169 31.70 1.40 18.49
CA GLY G 170 29.87 -0.15 21.35
CA VAL G 171 32.94 -0.40 23.54
CA GLU G 172 34.24 3.06 22.88
CA HIS G 173 31.03 5.01 22.80
CA LEU G 174 30.10 3.14 25.94
CA VAL G 175 33.21 4.05 27.82
CA ALA G 176 32.55 7.44 26.35
CA LEU G 177 29.17 7.18 28.02
CA GLY G 178 31.00 6.42 31.24
CA HIS G 179 29.52 2.99 31.66
CA GLN G 180 32.78 1.09 32.01
CA GLN G 181 33.48 -1.98 34.20
CA ILE G 182 32.03 -4.29 31.59
CA ALA G 183 31.44 -7.95 31.21
CA LEU G 184 31.08 -8.16 27.46
CA LEU G 185 29.20 -11.05 25.85
CA ALA G 186 30.14 -12.92 22.77
CA GLY G 187 28.72 -15.79 20.89
CA PRO G 188 30.52 -19.11 20.41
CA LEU G 189 34.08 -19.50 19.37
CA SER G 190 33.93 -21.79 16.34
CA SER G 191 32.59 -19.06 14.17
CA VAL G 192 35.63 -16.86 14.11
CA SER G 193 33.05 -14.18 13.53
CA ALA G 194 32.26 -14.72 17.15
CA ARG G 195 35.87 -15.05 18.22
CA LEU G 196 36.81 -12.21 16.01
CA ARG G 197 33.95 -10.10 17.34
CA LEU G 198 35.28 -10.80 20.79
CA ALA G 199 38.89 -9.87 20.10
CA GLY G 200 37.65 -6.55 18.75
CA TRP G 201 36.14 -5.66 22.09
CA HIS G 202 39.45 -6.50 23.71
CA LYS G 203 41.46 -4.64 21.15
CA TYR G 204 39.47 -1.52 21.85
CA LEU G 205 38.58 -2.23 25.47
CA THR G 206 42.23 -2.63 26.29
CA ARG G 207 42.92 0.16 23.74
CA ASN G 208 40.65 2.22 25.98
CA GLN G 209 42.53 0.67 28.93
CA ILE G 210 39.46 -0.97 30.49
CA GLN G 211 38.93 -4.44 31.80
CA PRO G 212 36.11 -7.04 31.43
CA ILE G 213 34.46 -8.33 34.53
CA ALA G 214 33.34 -11.33 32.53
CA GLU G 215 32.86 -12.44 28.99
CA ARG G 216 30.97 -15.73 28.69
CA GLU G 217 30.28 -17.56 25.45
CA GLY G 218 26.76 -17.69 24.08
CA ASP G 219 25.33 -19.85 21.28
CA TRP G 220 23.28 -17.36 19.29
CA SER G 221 20.04 -18.75 20.65
CA ALA G 222 17.30 -16.42 21.81
CA MET G 223 17.78 -18.32 25.03
CA SER G 224 21.53 -17.69 25.01
CA GLY G 225 21.16 -14.43 26.78
CA PHE G 226 19.08 -15.55 29.72
CA GLN G 227 20.92 -18.52 31.19
CA GLN G 228 24.25 -16.84 30.67
CA THR G 229 23.54 -13.41 32.09
CA MET G 230 21.36 -15.00 34.74
CA GLN G 231 23.83 -17.44 36.17
CA MET G 232 26.77 -15.08 35.98
CA LEU G 233 24.92 -12.10 37.46
CA ASN G 234 24.10 -14.69 40.17
CA GLU G 235 27.83 -15.34 40.39
CA GLY G 236 28.08 -11.63 41.32
CA ILE G 237 28.58 -9.92 38.01
CA VAL G 238 26.92 -6.59 37.38
CA PRO G 239 28.95 -4.51 34.88
CA THR G 240 27.63 -1.10 34.00
CA ALA G 241 27.00 -2.85 30.70
CA MET G 242 27.72 -5.59 28.15
CA LEU G 243 27.61 -5.92 24.41
CA VAL G 244 26.88 -8.98 22.39
CA ALA G 245 26.63 -10.13 18.80
CA ASN G 246 23.21 -11.43 17.77
CA ASP G 247 20.90 -8.82 19.19
CA GLN G 248 18.29 -11.63 19.42
CA MET G 249 20.34 -13.95 21.59
CA ALA G 250 21.41 -10.95 23.57
CA LEU G 251 17.72 -10.44 24.20
CA GLY G 252 17.87 -13.13 26.83
CA ALA G 253 19.93 -10.68 28.86
CA MET G 254 16.93 -8.37 29.07
CA ARG G 255 14.78 -11.06 30.62
CA ALA G 256 17.74 -11.66 32.90
CA ILE G 257 18.39 -8.20 34.37
CA THR G 258 14.70 -7.49 34.42
CA GLU G 259 13.42 -10.84 35.74
CA SER G 260 16.54 -11.06 37.92
CA GLY G 261 15.14 -7.78 39.17
CA LEU G 262 16.85 -4.64 37.94
CA ARG G 263 16.87 -2.20 35.04
CA VAL G 264 18.72 -2.98 31.82
CA GLY G 265 20.44 -0.06 30.18
CA ALA G 266 19.77 2.18 33.15
CA ASP G 267 21.30 -0.15 35.70
CA ILE G 268 23.38 -2.32 33.36
CA SER G 269 23.61 -0.86 29.85
CA VAL G 270 23.99 -3.25 26.93
CA VAL G 271 23.98 -3.57 23.16
CA GLY G 272 23.64 -6.15 20.47
CA TYR G 273 24.88 -6.47 16.98
CA ASP G 274 23.18 -7.11 13.61
CA ASP G 275 19.86 -5.27 14.16
CA THR G 276 16.68 -7.24 13.67
CA GLU G 277 13.29 -5.49 13.63
CA ASP G 278 12.46 -7.62 16.72
CA SER G 279 15.05 -5.55 18.56
CA SER G 280 13.46 -2.34 17.33
CA CYS G 281 10.40 -3.54 19.19
CA TYR G 282 12.24 -4.94 22.19
CA ILE G 283 11.19 -3.80 25.61
CA PRO G 284 14.32 -1.73 25.78
CA PRO G 285 14.73 -0.62 22.18
CA LEU G 286 18.26 -1.91 21.58
CA THR G 287 21.07 0.52 21.12
CA THR G 288 23.04 -1.76 18.84
CA ILE G 289 24.69 -2.06 15.43
CA LYS G 290 23.95 -3.74 12.12
CA GLN G 291 25.51 -5.46 9.09
CA ASP G 292 23.49 -5.08 5.87
CA PHE G 293 22.94 -8.68 4.90
CA ARG G 294 20.84 -7.57 1.97
CA LEU G 295 23.87 -5.89 0.67
CA LEU G 296 26.18 -8.64 1.82
CA GLY G 297 24.26 -11.06 -0.26
CA GLN G 298 23.27 -8.93 -3.22
CA THR G 299 26.78 -7.56 -3.45
CA SER G 300 28.37 -10.94 -3.61
CA VAL G 301 25.92 -11.95 -6.30
CA ASP G 302 27.12 -9.24 -8.59
CA ARG G 303 30.65 -9.64 -7.36
CA LEU G 304 30.30 -13.27 -8.14
CA LEU G 305 29.15 -12.25 -11.56
CA GLN G 306 32.20 -10.11 -11.18
CA LEU G 307 34.72 -12.67 -12.28
CA SER G 308 32.59 -15.17 -13.95
CA GLN G 309 31.38 -12.66 -16.50
CA GLY G 310 33.01 -9.80 -14.72
CA GLN G 311 36.67 -10.77 -15.19
CA ALA G 312 38.16 -7.67 -13.46
CA VAL G 313 39.22 -9.32 -10.20
CA LYS G 314 38.86 -9.00 -6.43
CA GLY G 315 39.61 -10.73 -3.16
CA ASN G 316 39.03 -8.95 0.11
CA GLN G 317 36.18 -6.46 0.51
CA LEU G 318 35.02 -4.66 3.58
CA LEU G 319 31.84 -2.63 4.03
CA PRO G 320 30.02 -0.38 6.57
CA VAL G 321 28.61 -1.18 9.91
CA SER G 322 26.77 1.82 11.39
CA LEU G 323 25.62 2.09 15.00
CA VAL G 324 22.14 2.83 16.41
CA LYS G 325 21.10 4.86 19.44
CA ARG G 326 18.37 3.55 21.72
CA LYS G 327 17.38 2.62 25.26
CA THR G 328 20.09 0.15 26.22
CA THR G 329 22.93 2.50 26.51
CA LEU G 330 23.04 5.41 28.85
CA ALA G 331 23.37 3.84 32.24
CA PRO G 332 24.79 7.33 33.03
CA ASN G 333 25.77 5.70 36.27
CA THR G 334 24.09 3.36 38.64
CA GLN G 335 23.25 6.67 40.43
CA THR G 336 21.97 9.37 38.03
CA ALA G 337 19.06 9.98 35.54
CA SER G 338 17.46 12.95 33.53
CA PRO G 339 16.84 12.31 29.81
CA ARG G 340 13.55 11.79 28.04
CA ALA G 341 13.07 8.94 30.45
CA LEU G 342 10.89 10.83 32.91
CA ALA G 343 8.36 12.73 30.91
CA ASP G 344 7.43 9.53 29.09
CA SER G 345 6.70 8.32 32.55
CA LEU G 346 3.70 10.67 32.43
CA MET G 347 3.26 10.53 28.71
CA GLN G 348 1.69 7.20 29.45
CA LEU G 349 0.32 8.32 32.78
CA ALA G 350 -1.40 10.65 30.34
CA ARG G 351 -3.42 7.64 29.08
CA GLN G 352 -3.67 6.49 32.71
CA VAL G 353 -4.89 10.05 33.24
CA SER G 354 -7.23 9.67 30.24
CA ARG G 355 -8.13 6.40 31.87
CA LEU G 356 -9.84 8.31 34.67
CA GLU G 357 -12.92 9.07 32.54
CA MET H 1 37.19 -27.22 -13.26
CA LYS H 2 36.86 -27.95 -17.00
CA PRO H 3 35.15 -31.30 -17.77
CA VAL H 4 37.13 -33.99 -15.98
CA THR H 5 34.57 -36.54 -17.11
CA LEU H 6 33.88 -40.21 -17.85
CA TYR H 7 36.02 -39.93 -20.98
CA ASP H 8 38.69 -37.91 -19.22
CA VAL H 9 39.35 -40.93 -16.98
CA ALA H 10 38.53 -43.58 -19.62
CA GLU H 11 41.65 -42.54 -21.52
CA TYR H 12 43.73 -42.52 -18.34
CA ALA H 13 42.55 -45.77 -16.77
CA GLY H 14 42.19 -47.04 -20.31
CA VAL H 15 38.85 -48.62 -19.43
CA SER H 16 35.51 -48.01 -21.11
CA TYR H 17 33.31 -45.11 -20.04
CA GLN H 18 30.84 -47.69 -18.78
CA THR H 19 33.51 -49.16 -16.51
CA VAL H 20 34.54 -45.57 -15.74
CA SER H 21 31.06 -44.73 -14.53
CA ARG H 22 31.56 -48.18 -13.07
CA VAL H 23 33.37 -48.46 -9.72
CA VAL H 24 32.26 -44.89 -9.03
CA ASN H 25 28.66 -44.18 -10.17
CA GLN H 26 26.82 -46.85 -8.07
CA ALA H 27 29.54 -49.54 -7.99
CA SER H 28 29.11 -53.18 -8.94
CA HIS H 29 31.69 -55.71 -10.13
CA VAL H 30 35.08 -55.12 -11.74
CA SER H 31 38.83 -55.78 -11.43
CA ALA H 32 39.99 -53.96 -8.30
CA LYS H 33 43.26 -52.86 -9.91
CA THR H 34 41.37 -51.60 -12.93
CA ARG H 35 39.26 -49.77 -10.38
CA GLU H 36 42.62 -48.55 -9.03
CA LYS H 37 43.63 -46.76 -12.22
CA VAL H 38 40.04 -45.53 -11.96
CA GLU H 39 40.37 -44.85 -8.21
CA ALA H 40 43.34 -42.61 -8.99
CA ALA H 41 41.63 -41.01 -12.01
CA MET H 42 39.16 -39.83 -9.36
CA ALA H 43 42.00 -37.85 -7.76
CA GLU H 44 44.34 -35.51 -9.71
CA LEU H 45 41.98 -34.98 -12.64
CA ASN H 46 39.36 -34.87 -9.93
CA TYR H 47 36.51 -36.45 -11.85
CA ILE H 48 33.22 -34.84 -10.86
CA PRO H 49 29.82 -36.04 -12.15
CA ASN H 50 28.04 -33.25 -13.99
CA ARG H 51 24.77 -34.38 -12.41
CA VAL H 52 22.80 -32.84 -15.32
CA ALA H 53 24.19 -35.51 -17.67
CA GLN H 54 23.24 -38.34 -15.28
CA GLN H 55 20.07 -36.47 -14.31
CA LEU H 56 19.05 -36.50 -17.99
CA ALA H 57 18.78 -40.19 -18.89
CA GLY H 58 19.95 -41.36 -15.48
CA LYS H 59 17.04 -41.44 -13.05
CA GLN H 60 17.11 -39.04 -10.13
CA SER H 61 14.01 -38.31 -8.13
CA LEU H 62 14.09 -36.28 -4.93
CA LEU H 63 14.21 -32.99 -6.77
CA ILE H 64 12.16 -31.29 -4.09
CA GLY H 65 10.98 -28.41 -6.20
CA VAL H 66 9.94 -25.91 -3.61
CA ALA H 67 8.45 -22.51 -3.78
CA THR H 68 7.46 -20.61 -0.76
CA SER H 69 6.86 -16.99 0.12
CA SER H 70 10.31 -15.51 0.40
CA LEU H 71 11.25 -13.47 3.47
CA ALA H 72 12.73 -16.43 5.26
CA LEU H 73 11.34 -14.79 8.42
CA HIS H 74 10.76 -17.65 10.81
CA ALA H 75 7.55 -18.84 9.36
CA PRO H 76 8.81 -19.82 5.98
CA SER H 77 12.41 -20.23 6.94
CA GLN H 78 12.07 -22.64 9.76
CA ILE H 79 9.90 -24.64 7.43
CA VAL H 80 12.10 -24.39 4.39
CA ALA H 81 14.97 -25.43 6.59
CA ALA H 82 12.94 -28.32 7.89
CA ILE H 83 12.29 -29.87 4.57
CA LYS H 84 15.72 -29.14 3.26
CA SER H 85 17.19 -30.75 6.38
CA ARG H 86 15.03 -33.84 6.11
CA ALA H 87 15.36 -34.02 2.40
CA ASP H 88 19.08 -34.21 2.71
CA GLN H 89 19.38 -37.70 4.21
CA LEU H 90 16.74 -39.32 2.10
CA GLY H 91 18.75 -38.02 -0.82
CA ALA H 92 16.47 -35.11 -1.60
CA SER H 93 17.57 -31.94 -3.25
CA VAL H 94 15.91 -28.57 -2.65
CA VAL H 95 15.07 -26.13 -5.42
CA VAL H 96 13.81 -23.03 -3.78
CA SER H 97 11.93 -20.40 -5.66
CA MET H 98 11.11 -17.70 -3.20
CA VAL H 99 7.98 -16.15 -4.73
CA GLU H 100 7.78 -12.36 -5.28
CA ARG H 101 4.67 -11.28 -3.41
CA SER H 102 0.93 -11.65 -3.98
CA GLY H 103 1.75 -12.81 -7.52
CA VAL H 104 -0.79 -15.59 -7.76
CA GLU H 105 0.46 -15.91 -11.31
CA ALA H 106 4.05 -15.57 -10.13
CA CYS H 107 4.08 -18.67 -7.95
CA LYS H 108 2.49 -20.65 -10.75
CA THR H 109 5.11 -19.39 -13.07
CA ALA H 110 7.79 -20.01 -10.46
CA VAL H 111 6.58 -23.55 -10.41
CA HIS H 112 7.30 -23.70 -14.10
CA ASN H 113 11.01 -23.30 -13.37
CA LEU H 114 10.65 -26.30 -11.09
CA LEU H 115 8.76 -28.34 -13.65
CA ALA H 116 11.38 -27.38 -16.17
CA GLN H 117 13.73 -29.12 -13.83
CA ARG H 118 11.52 -32.24 -13.96
CA VAL H 119 11.04 -31.88 -10.23
CA SER H 120 10.62 -35.36 -8.91
CA GLY H 121 8.24 -33.76 -6.45
CA LEU H 122 7.33 -30.23 -5.58
CA ILE H 123 6.05 -28.25 -2.73
CA ILE H 124 4.30 -24.93 -2.45
CA ASN H 125 4.52 -22.86 0.60
CA TYR H 126 2.92 -19.80 -0.73
CA PRO H 127 0.26 -19.42 1.97
CA LEU H 128 -3.34 -20.32 1.60
CA ASP H 129 -4.64 -18.91 -1.65
CA ASP H 130 -7.61 -21.13 -2.57
CA GLN H 131 -8.93 -22.40 -5.92
CA ASP H 132 -6.09 -20.29 -7.25
CA ALA H 133 -3.86 -23.07 -6.04
CA ILE H 134 -6.40 -25.36 -7.68
CA ALA H 135 -5.41 -23.87 -11.00
CA VAL H 136 -1.90 -23.72 -9.67
CA GLU H 137 -2.25 -27.34 -8.86
CA ALA H 138 -3.59 -27.92 -12.31
CA ALA H 139 -0.49 -26.83 -14.27
CA CYS H 140 1.42 -29.22 -12.13
CA THR H 141 -0.29 -32.14 -13.81
CA ASN H 142 2.86 -33.74 -12.44
CA VAL H 143 3.82 -34.92 -8.91
CA PRO H 144 1.43 -32.49 -7.19
CA ALA H 145 3.22 -30.36 -4.68
CA LEU H 146 1.89 -29.74 -1.30
CA PHE H 147 0.74 -26.17 -1.07
CA LEU H 148 1.04 -27.16 2.54
CA ASP H 149 -0.89 -24.29 4.00
CA VAL H 150 -4.10 -23.54 2.17
CA SER H 151 -7.84 -23.41 2.79
CA ASP H 152 -8.73 -25.95 5.50
CA GLN H 153 -10.62 -27.68 2.86
CA THR H 154 -10.52 -26.65 -0.68
CA PRO H 155 -10.95 -30.07 -2.39
CA ILE H 156 -7.30 -30.89 -2.78
CA ASN H 157 -4.27 -32.82 -1.63
CA SER H 158 -1.41 -31.05 0.04
CA ILE H 159 -3.76 -30.09 2.83
CA ILE H 160 -1.33 -30.76 5.56
CA PHE H 161 -1.05 -28.63 8.66
CA SER H 162 -2.80 -27.73 11.83
CA HIS H 163 -5.04 -25.26 13.67
CA GLU H 164 -8.79 -24.92 14.27
CA ASP H 165 -8.70 -25.82 17.90
CA GLY H 166 -5.95 -23.44 19.03
CA THR H 167 -7.92 -21.00 17.01
CA ARG H 168 -9.95 -20.79 20.17
CA LEU H 169 -7.73 -22.41 22.74
CA GLY H 170 -6.76 -18.88 23.42
CA VAL H 171 -10.26 -17.54 23.16
CA GLU H 172 -11.89 -20.19 25.29
CA HIS H 173 -9.30 -20.68 27.97
CA LEU H 174 -9.12 -16.92 28.17
CA VAL H 175 -12.82 -16.51 28.71
CA ALA H 176 -12.35 -19.42 30.99
CA LEU H 177 -9.79 -17.23 32.69
CA GLY H 178 -12.44 -14.55 32.93
CA HIS H 179 -10.54 -12.08 30.84
CA GLN H 180 -13.32 -11.35 28.36
CA GLN H 181 -14.09 -8.05 26.59
CA ILE H 182 -11.44 -8.66 24.00
CA ALA H 183 -10.08 -6.90 21.03
CA LEU H 184 -8.45 -9.80 19.22
CA LEU H 185 -5.62 -9.20 16.77
CA ALA H 186 -5.04 -10.88 13.50
CA GLY H 187 -2.51 -10.60 10.75
CA PRO H 188 -3.39 -9.55 7.21
CA LEU H 189 -6.27 -10.91 5.24
CA SER H 190 -4.68 -12.13 1.99
CA SER H 191 -3.21 -15.12 3.65
CA VAL H 192 -6.39 -16.92 4.37
CA SER H 193 -4.32 -18.31 7.23
CA ALA H 194 -4.73 -14.93 8.77
CA ARG H 195 -8.39 -14.57 7.74
CA LEU H 196 -9.04 -18.11 8.72
CA ARG H 197 -7.25 -17.60 12.02
CA LEU H 198 -9.49 -14.66 12.57
CA ALA H 199 -12.76 -16.40 11.78
CA GLY H 200 -11.77 -19.05 14.29
CA TRP H 201 -11.71 -16.49 17.09
CA HIS H 202 -15.16 -15.37 16.00
CA LYS H 203 -16.53 -18.86 15.68
CA TYR H 204 -15.51 -19.59 19.27
CA LEU H 205 -15.79 -16.07 20.68
CA THR H 206 -19.34 -15.89 19.46
CA ARG H 207 -19.64 -19.62 20.31
CA ASN H 208 -18.66 -18.45 23.77
CA GLN H 209 -21.11 -15.55 23.24
CA ILE H 210 -18.51 -12.82 23.69
CA GLN H 211 -17.84 -9.71 21.65
CA PRO H 212 -14.64 -8.13 20.30
CA ILE H 213 -13.96 -4.55 21.22
CA ALA H 214 -11.68 -4.33 18.17
CA GLU H 215 -9.77 -6.54 15.83
CA ARG H 216 -7.31 -4.64 13.64
CA GLU H 217 -5.20 -6.16 10.84
CA GLY H 218 -1.48 -6.59 11.36
CA ASP H 219 1.21 -7.44 8.76
CA TRP H 220 3.32 -10.04 10.55
CA SER H 221 6.10 -7.53 11.16
CA ALA H 222 7.78 -7.29 14.56
CA MET H 223 6.60 -3.75 14.29
CA SER H 224 3.02 -4.81 13.54
CA GLY H 225 2.07 -5.05 17.19
CA PHE H 226 3.23 -1.63 18.30
CA GLN H 227 1.62 0.83 15.91
CA GLN H 228 -1.56 -1.16 15.92
CA THR H 229 -2.05 -1.72 19.62
CA MET H 230 -0.68 1.74 20.26
CA GLN H 231 -2.98 3.76 18.09
CA MET H 232 -6.06 1.77 18.97
CA LEU H 233 -5.45 1.73 22.70
CA ASN H 234 -5.10 5.46 22.09
CA GLU H 235 -8.47 5.28 20.43
CA GLY H 236 -9.75 4.04 23.79
CA ILE H 237 -9.41 0.29 23.49
CA VAL H 238 -8.30 -1.70 26.51
CA PRO H 239 -9.72 -5.26 26.36
CA THR H 240 -8.83 -7.56 29.20
CA ALA H 241 -6.80 -9.24 26.48
CA MET H 242 -6.06 -9.97 22.85
CA LEU H 243 -4.63 -12.85 20.86
CA VAL H 244 -2.66 -12.72 17.65
CA ALA H 245 -1.00 -15.01 15.14
CA ASN H 246 2.74 -14.50 14.77
CA ASP H 247 3.90 -14.23 18.34
CA GLN H 248 6.76 -12.03 17.08
CA MET H 249 4.57 -9.42 15.46
CA ALA H 250 2.31 -9.59 18.47
CA LEU H 251 5.42 -8.64 20.45
CA GLY H 252 4.84 -5.09 19.37
CA ALA H 253 1.79 -5.16 21.60
CA MET H 254 4.03 -5.61 24.62
CA ARG H 255 6.01 -2.49 23.83
CA ALA H 256 2.62 -0.92 23.39
CA ILE H 257 0.93 -1.71 26.66
CA THR H 258 4.16 -1.29 28.53
CA GLU H 259 5.48 1.85 26.82
CA SER H 260 1.92 3.17 26.57
CA GLY H 261 2.11 2.63 30.32
CA LEU H 262 0.38 -0.38 31.76
CA ARG H 263 0.94 -4.06 32.43
CA VAL H 264 0.46 -6.60 29.70
CA GLY H 265 -1.13 -9.88 30.72
CA ALA H 266 -1.91 -8.51 34.18
CA ASP H 267 -3.76 -5.46 32.94
CA ILE H 268 -4.43 -6.64 29.38
CA SER H 269 -3.70 -10.35 28.87
CA VAL H 270 -2.63 -11.48 25.44
CA VAL H 271 -1.25 -14.37 23.43
CA GLY H 272 0.44 -15.13 20.18
CA TYR H 273 0.54 -18.08 17.90
CA ASP H 274 3.37 -20.17 16.44
CA ASP H 275 5.91 -20.10 19.33
CA THR H 276 9.39 -18.79 18.56
CA GLU H 277 12.18 -19.11 21.12
CA ASP H 278 12.26 -15.31 21.05
CA SER H 279 8.85 -15.42 22.73
CA SER H 280 10.16 -17.83 25.33
CA CYS H 281 12.58 -15.07 26.26
CA TYR H 282 10.10 -12.21 25.87
CA ILE H 283 9.69 -9.81 28.74
CA PRO H 284 6.35 -11.40 29.48
CA PRO H 285 7.02 -15.06 28.54
CA LEU H 286 4.21 -15.55 26.02
CA THR H 287 1.29 -17.74 26.86
CA THR H 288 0.70 -18.75 23.24
CA ILE H 289 0.38 -21.70 20.88
CA LYS H 290 2.55 -23.36 18.24
CA GLN H 291 2.48 -25.22 14.90
CA ASP H 292 5.40 -27.65 14.43
CA PHE H 293 6.91 -26.43 11.22
CA ARG H 294 9.60 -29.01 11.47
CA LEU H 295 6.92 -31.58 11.23
CA LEU H 296 4.93 -29.61 8.72
CA GLY H 297 7.88 -29.66 6.45
CA GLN H 298 9.40 -32.99 7.16
CA THR H 299 6.03 -34.60 7.00
CA SER H 300 5.23 -33.23 3.63
CA VAL H 301 8.57 -34.42 2.37
CA ASP H 302 7.74 -37.98 3.14
CA ARG H 303 4.15 -37.46 2.16
CA LEU H 304 5.41 -36.07 -1.10
CA LEU H 305 7.47 -39.19 -1.43
CA GLN H 306 4.10 -40.64 -0.51
CA LEU H 307 2.65 -40.60 -3.97
CA SER H 308 5.72 -40.25 -6.07
CA GLN H 309 7.20 -43.46 -4.79
CA GLY H 310 4.52 -43.85 -2.15
CA GLN H 311 1.53 -44.38 -4.40
CA ALA H 312 -1.02 -44.96 -1.58
CA VAL H 313 -2.85 -41.60 -1.79
CA LYS H 314 -3.88 -38.65 0.36
CA GLY H 315 -5.35 -35.18 0.17
CA ASN H 316 -6.24 -33.31 3.33
CA GLN H 317 -4.22 -33.78 6.50
CA LEU H 318 -4.52 -32.01 9.79
CA LEU H 319 -2.14 -32.09 12.71
CA PRO H 320 -1.77 -30.89 16.37
CA VAL H 321 -1.48 -27.43 17.73
CA SER H 322 -0.86 -27.49 21.50
CA LEU H 323 -1.07 -24.47 23.76
CA VAL H 324 1.50 -23.09 26.22
CA LYS H 325 1.04 -21.47 29.63
CA ARG H 326 3.03 -18.34 30.52
CA LYS H 327 2.90 -14.75 31.72
CA THR H 328 0.51 -13.16 29.24
CA THR H 329 -2.68 -14.69 30.33
CA LEU H 330 -3.19 -14.35 34.09
CA ALA H 331 -5.50 -12.09 36.08
CA PRO H 332 -7.83 -9.42 34.56
CA ASN H 333 -9.60 -7.17 37.03
CA THR H 334 -8.28 -3.77 35.94
CA GLN H 335 -7.99 -2.44 39.50
CA THR H 336 -9.82 0.91 38.98
CA ALA H 337 -6.50 2.72 38.93
CA SER H 338 -8.60 5.73 38.20
CA PRO H 339 -8.42 7.15 41.72
CA ARG H 340 -5.86 9.56 43.08
CA ALA H 341 -3.38 6.86 42.13
CA LEU H 342 -2.31 8.41 38.82
CA ALA H 343 -1.78 12.05 39.53
CA ASP H 344 0.52 11.22 42.45
CA SER H 345 2.46 9.37 39.82
CA LEU H 346 3.40 12.82 38.46
CA MET H 347 3.13 14.57 41.82
CA GLN H 348 6.43 12.81 42.37
CA LEU H 349 7.51 13.09 38.81
CA ALA H 350 7.04 16.75 39.73
CA ARG H 351 10.12 16.41 41.88
CA GLN H 352 11.71 14.28 39.06
CA VAL H 353 10.68 17.22 36.99
CA SER H 354 12.22 19.63 39.48
CA ARG H 355 15.16 17.24 39.42
CA LEU H 356 15.90 18.40 35.87
CA GLU H 357 17.44 21.66 37.04
#